data_8G8S
#
_entry.id   8G8S
#
_cell.length_a   77.066
_cell.length_b   88.583
_cell.length_c   96.671
_cell.angle_alpha   90.000
_cell.angle_beta   90.000
_cell.angle_gamma   90.000
#
_symmetry.space_group_name_H-M   'P 21 21 21'
#
loop_
_entity.id
_entity.type
_entity.pdbx_description
1 polymer 'Importin subunit alpha-1'
2 polymer 'Nuclear factor NF-kappa-B p100 subunit isoform X1'
3 water water
#
loop_
_entity_poly.entity_id
_entity_poly.type
_entity_poly.pdbx_seq_one_letter_code
_entity_poly.pdbx_strand_id
1 'polypeptide(L)'
;MHHHHHHSSGLVPRGSGMLETAAALFERNHMDSPDLGTDDDDLAMADIGSNQGTVNWSVEDIVKGINSNNLESQLQATQA
ARKLLSREKQPPIDNIIRAGLIPKFVSFLGKTDCSPIQFESAWALTNIASGTSEQTKAVVDGGAIPAFISLLASPHAHIS
EQAVWALGNIAGDGSAFRDLVIKHGAIDPLLALLAVPDLSTLACGYLRNLTWTLSNLCRNKNPAPPLDAVEQILPTLVRL
LHHNDPEVLADSCWAISYLTDGPNERIEMVVKKGVVPQLVKLLGATELPIVTPALRAIGNIVTGTDEQTQKVIDAGALAV
FPSLLTNPKTNIQKEATWTMSNITAGRQDQIQQVVNHGLVPFLVGVLSKADFKTQKEAAWAITNYTSGGTVEQIVYLVHC
GIIEPLMNLLSAKDTKIIQVILDAISNIFQAAEKLGETEKLSIMIEECGGLDKIEALQRHENESVYKASLNLIEKYFSVE
EEEDQNVVPETTSEGFAFQVQDGAPGTFNF
;
A
2 'polypeptide(L)' LKRKRGGDVSDSKQFTYYPLVEDKEEVQRKRRKAL B
#
# COMPACT_ATOMS: atom_id res chain seq x y z
N GLY A 53 18.32 -17.84 -34.36
CA GLY A 53 19.44 -16.93 -34.30
C GLY A 53 20.01 -16.79 -32.89
N THR A 54 19.23 -16.21 -31.98
CA THR A 54 19.61 -16.11 -30.58
C THR A 54 18.61 -16.81 -29.67
N VAL A 55 17.76 -17.66 -30.22
CA VAL A 55 16.71 -18.32 -29.44
C VAL A 55 17.24 -19.60 -28.84
N ASN A 56 17.08 -19.73 -27.52
CA ASN A 56 17.35 -20.99 -26.82
C ASN A 56 18.81 -21.40 -26.92
N TRP A 57 19.72 -20.45 -26.72
CA TRP A 57 21.12 -20.82 -26.60
C TRP A 57 21.37 -21.48 -25.25
N SER A 58 22.40 -22.32 -25.20
CA SER A 58 22.89 -22.79 -23.92
C SER A 58 23.68 -21.69 -23.22
N VAL A 59 23.71 -21.77 -21.89
CA VAL A 59 24.56 -20.86 -21.12
C VAL A 59 26.01 -20.97 -21.58
N GLU A 60 26.44 -22.17 -21.95
CA GLU A 60 27.83 -22.35 -22.38
C GLU A 60 28.12 -21.57 -23.65
N ASP A 61 27.18 -21.59 -24.62
CA ASP A 61 27.35 -20.82 -25.85
C ASP A 61 27.32 -19.32 -25.57
N ILE A 62 26.42 -18.88 -24.69
CA ILE A 62 26.40 -17.48 -24.29
C ILE A 62 27.75 -17.07 -23.74
N VAL A 63 28.27 -17.88 -22.82
CA VAL A 63 29.59 -17.58 -22.24
C VAL A 63 30.64 -17.51 -23.34
N LYS A 64 30.62 -18.46 -24.27
CA LYS A 64 31.62 -18.45 -25.33
C LYS A 64 31.54 -17.16 -26.13
N GLY A 65 30.33 -16.72 -26.47
CA GLY A 65 30.19 -15.49 -27.25
C GLY A 65 30.57 -14.26 -26.45
N ILE A 66 30.22 -14.23 -25.18
CA ILE A 66 30.55 -13.05 -24.39
C ILE A 66 32.05 -12.98 -24.11
N ASN A 67 32.72 -14.14 -24.07
CA ASN A 67 34.16 -14.16 -23.85
C ASN A 67 34.96 -13.98 -25.14
N SER A 68 34.30 -13.93 -26.30
CA SER A 68 35.02 -13.56 -27.51
C SER A 68 35.50 -12.12 -27.38
N ASN A 69 36.52 -11.77 -28.16
CA ASN A 69 36.95 -10.38 -28.22
C ASN A 69 36.20 -9.60 -29.30
N ASN A 70 34.94 -9.96 -29.55
CA ASN A 70 34.22 -9.53 -30.74
C ASN A 70 32.93 -8.90 -30.26
N LEU A 71 32.84 -7.58 -30.37
CA LEU A 71 31.68 -6.88 -29.81
C LEU A 71 30.38 -7.40 -30.41
N GLU A 72 30.39 -7.72 -31.71
CA GLU A 72 29.16 -8.21 -32.32
C GLU A 72 28.83 -9.63 -31.85
N SER A 73 29.84 -10.50 -31.71
CA SER A 73 29.58 -11.80 -31.10
C SER A 73 29.08 -11.64 -29.67
N GLN A 74 29.65 -10.69 -28.93
CA GLN A 74 29.16 -10.43 -27.58
C GLN A 74 27.72 -9.93 -27.60
N LEU A 75 27.41 -9.08 -28.56
CA LEU A 75 26.03 -8.60 -28.73
C LEU A 75 25.06 -9.75 -28.96
N GLN A 76 25.35 -10.64 -29.91
CA GLN A 76 24.40 -11.73 -30.14
C GLN A 76 24.32 -12.65 -28.91
N ALA A 77 25.41 -12.86 -28.19
CA ALA A 77 25.36 -13.71 -27.01
C ALA A 77 24.59 -13.03 -25.88
N THR A 78 24.67 -11.70 -25.79
CA THR A 78 23.94 -10.97 -24.77
C THR A 78 22.44 -10.98 -25.07
N GLN A 79 22.09 -10.77 -26.34
CA GLN A 79 20.70 -10.96 -26.74
C GLN A 79 20.22 -12.37 -26.42
N ALA A 80 21.04 -13.39 -26.69
CA ALA A 80 20.61 -14.75 -26.39
C ALA A 80 20.39 -14.93 -24.89
N ALA A 81 21.25 -14.32 -24.07
CA ALA A 81 21.03 -14.33 -22.62
C ALA A 81 19.74 -13.61 -22.27
N ARG A 82 19.53 -12.44 -22.86
CA ARG A 82 18.29 -11.71 -22.61
C ARG A 82 17.07 -12.58 -22.89
N LYS A 83 17.07 -13.30 -24.02
CA LYS A 83 15.91 -14.11 -24.35
C LYS A 83 15.72 -15.25 -23.36
N LEU A 84 16.81 -15.92 -22.96
CA LEU A 84 16.71 -16.91 -21.89
C LEU A 84 16.08 -16.30 -20.64
N LEU A 85 16.54 -15.11 -20.24
CA LEU A 85 16.08 -14.47 -19.01
C LEU A 85 14.69 -13.89 -19.17
N SER A 86 14.15 -13.86 -20.38
CA SER A 86 12.83 -13.29 -20.66
C SER A 86 11.78 -14.36 -20.93
N ARG A 87 12.16 -15.64 -20.92
CA ARG A 87 11.18 -16.69 -21.15
C ARG A 87 10.23 -16.78 -19.96
N GLU A 88 9.02 -17.26 -20.23
CA GLU A 88 7.99 -17.23 -19.19
C GLU A 88 8.28 -18.23 -18.08
N LYS A 89 8.89 -19.36 -18.40
CA LYS A 89 9.07 -20.45 -17.45
C LYS A 89 10.51 -20.48 -16.95
N GLN A 90 10.68 -20.32 -15.64
CA GLN A 90 11.93 -20.64 -14.96
C GLN A 90 13.18 -20.08 -15.68
N PRO A 91 13.30 -18.77 -15.77
CA PRO A 91 14.53 -18.20 -16.37
C PRO A 91 15.75 -18.64 -15.59
N PRO A 92 16.84 -18.98 -16.29
CA PRO A 92 18.02 -19.55 -15.60
C PRO A 92 18.89 -18.46 -14.98
N ILE A 93 18.29 -17.68 -14.08
CA ILE A 93 19.00 -16.57 -13.47
C ILE A 93 20.26 -17.06 -12.77
N ASP A 94 20.12 -18.05 -11.89
CA ASP A 94 21.27 -18.50 -11.11
C ASP A 94 22.37 -19.06 -12.01
N ASN A 95 21.98 -19.77 -13.08
CA ASN A 95 22.99 -20.29 -14.00
C ASN A 95 23.74 -19.16 -14.69
N ILE A 96 23.04 -18.07 -15.03
CA ILE A 96 23.69 -16.93 -15.66
C ILE A 96 24.63 -16.24 -14.68
N ILE A 97 24.20 -16.11 -13.42
CA ILE A 97 25.07 -15.55 -12.39
C ILE A 97 26.30 -16.44 -12.19
N ARG A 98 26.08 -17.73 -11.97
CA ARG A 98 27.20 -18.63 -11.70
C ARG A 98 28.16 -18.66 -12.88
N ALA A 99 27.67 -18.42 -14.09
CA ALA A 99 28.56 -18.34 -15.24
C ALA A 99 29.42 -17.09 -15.24
N GLY A 100 29.24 -16.19 -14.28
CA GLY A 100 30.09 -15.03 -14.19
C GLY A 100 29.80 -13.95 -15.20
N LEU A 101 28.57 -13.89 -15.72
CA LEU A 101 28.26 -12.97 -16.80
C LEU A 101 27.93 -11.55 -16.33
N ILE A 102 27.56 -11.36 -15.07
CA ILE A 102 27.12 -10.03 -14.62
C ILE A 102 28.20 -8.96 -14.87
N PRO A 103 29.47 -9.19 -14.50
CA PRO A 103 30.48 -8.16 -14.77
C PRO A 103 30.56 -7.77 -16.24
N LYS A 104 30.44 -8.73 -17.15
CA LYS A 104 30.50 -8.41 -18.57
CA LYS A 104 30.49 -8.41 -18.57
C LYS A 104 29.28 -7.59 -18.97
N PHE A 105 28.09 -8.04 -18.56
CA PHE A 105 26.87 -7.28 -18.84
C PHE A 105 27.01 -5.84 -18.35
N VAL A 106 27.60 -5.65 -17.17
CA VAL A 106 27.73 -4.30 -16.64
C VAL A 106 28.67 -3.49 -17.52
N SER A 107 29.75 -4.11 -18.00
CA SER A 107 30.66 -3.36 -18.88
C SER A 107 29.97 -3.00 -20.18
N PHE A 108 29.07 -3.85 -20.66
CA PHE A 108 28.33 -3.55 -21.89
C PHE A 108 27.40 -2.34 -21.72
N LEU A 109 26.95 -2.08 -20.50
CA LEU A 109 26.15 -0.88 -20.26
C LEU A 109 26.89 0.38 -20.68
N GLY A 110 28.22 0.36 -20.69
CA GLY A 110 29.03 1.51 -21.00
C GLY A 110 29.45 1.66 -22.44
N LYS A 111 29.05 0.74 -23.32
CA LYS A 111 29.51 0.75 -24.70
C LYS A 111 28.60 1.66 -25.52
N THR A 112 28.91 2.96 -25.43
CA THR A 112 28.05 3.96 -26.06
C THR A 112 28.00 3.78 -27.57
N ASP A 113 29.07 3.29 -28.17
CA ASP A 113 29.14 3.09 -29.63
C ASP A 113 28.33 1.89 -30.09
N CYS A 114 27.77 1.09 -29.18
CA CYS A 114 26.97 -0.07 -29.53
C CYS A 114 25.72 -0.02 -28.65
N SER A 115 24.81 0.89 -28.98
CA SER A 115 23.57 0.98 -28.22
C SER A 115 22.81 -0.34 -28.17
N PRO A 116 22.85 -1.21 -29.19
CA PRO A 116 22.16 -2.51 -29.03
C PRO A 116 22.68 -3.34 -27.87
N ILE A 117 23.99 -3.34 -27.60
CA ILE A 117 24.47 -4.20 -26.52
C ILE A 117 24.20 -3.54 -25.18
N GLN A 118 24.15 -2.21 -25.15
CA GLN A 118 23.65 -1.52 -23.96
C GLN A 118 22.23 -1.95 -23.65
N PHE A 119 21.35 -1.88 -24.65
CA PHE A 119 19.97 -2.30 -24.45
C PHE A 119 19.89 -3.76 -24.02
N GLU A 120 20.54 -4.67 -24.77
CA GLU A 120 20.41 -6.09 -24.46
C GLU A 120 20.95 -6.41 -23.08
N SER A 121 22.05 -5.77 -22.68
CA SER A 121 22.61 -6.06 -21.36
C SER A 121 21.77 -5.41 -20.27
N ALA A 122 21.22 -4.22 -20.53
CA ALA A 122 20.32 -3.62 -19.55
C ALA A 122 19.13 -4.52 -19.29
N TRP A 123 18.59 -5.11 -20.35
CA TRP A 123 17.44 -5.98 -20.23
C TRP A 123 17.81 -7.27 -19.51
N ALA A 124 18.92 -7.89 -19.90
CA ALA A 124 19.38 -9.07 -19.18
C ALA A 124 19.55 -8.76 -17.70
N LEU A 125 20.21 -7.66 -17.38
CA LEU A 125 20.45 -7.34 -15.97
C LEU A 125 19.15 -6.97 -15.26
N THR A 126 18.25 -6.28 -15.96
CA THR A 126 16.94 -6.00 -15.37
C THR A 126 16.29 -7.28 -14.88
N ASN A 127 16.34 -8.33 -15.68
CA ASN A 127 15.64 -9.56 -15.32
C ASN A 127 16.40 -10.38 -14.30
N ILE A 128 17.73 -10.29 -14.27
CA ILE A 128 18.45 -10.88 -13.14
C ILE A 128 18.02 -10.19 -11.86
N ALA A 129 17.95 -8.86 -11.90
CA ALA A 129 17.60 -8.04 -10.75
C ALA A 129 16.15 -8.18 -10.33
N SER A 130 15.31 -8.76 -11.20
CA SER A 130 13.93 -9.07 -10.85
C SER A 130 13.78 -10.25 -9.91
N GLY A 131 14.86 -10.98 -9.65
CA GLY A 131 14.78 -12.22 -8.91
C GLY A 131 14.79 -12.05 -7.40
N THR A 132 15.44 -12.99 -6.74
CA THR A 132 15.58 -12.92 -5.30
C THR A 132 16.53 -11.79 -4.89
N SER A 133 16.56 -11.50 -3.59
CA SER A 133 17.49 -10.50 -3.07
C SER A 133 18.92 -10.86 -3.40
N GLU A 134 19.27 -12.15 -3.26
CA GLU A 134 20.60 -12.57 -3.65
C GLU A 134 20.88 -12.26 -5.11
N GLN A 135 19.89 -12.45 -5.98
CA GLN A 135 20.12 -12.21 -7.40
C GLN A 135 20.21 -10.72 -7.70
N THR A 136 19.31 -9.92 -7.12
CA THR A 136 19.46 -8.47 -7.23
C THR A 136 20.82 -8.02 -6.70
N LYS A 137 21.24 -8.55 -5.56
CA LYS A 137 22.52 -8.15 -4.98
C LYS A 137 23.66 -8.45 -5.94
N ALA A 138 23.56 -9.54 -6.69
CA ALA A 138 24.62 -9.86 -7.64
C ALA A 138 24.73 -8.76 -8.69
N VAL A 139 23.59 -8.23 -9.14
CA VAL A 139 23.60 -7.14 -10.11
C VAL A 139 24.21 -5.89 -9.50
N VAL A 140 23.78 -5.52 -8.29
CA VAL A 140 24.37 -4.38 -7.60
C VAL A 140 25.85 -4.59 -7.39
N ASP A 141 26.21 -5.79 -6.91
CA ASP A 141 27.61 -6.06 -6.60
C ASP A 141 28.49 -5.94 -7.83
N GLY A 142 27.93 -6.13 -9.01
CA GLY A 142 28.65 -5.93 -10.25
C GLY A 142 28.84 -4.50 -10.69
N GLY A 143 28.41 -3.52 -9.91
CA GLY A 143 28.56 -2.13 -10.30
C GLY A 143 27.46 -1.61 -11.17
N ALA A 144 26.33 -2.31 -11.25
CA ALA A 144 25.27 -1.92 -12.16
C ALA A 144 24.65 -0.58 -11.82
N ILE A 145 24.59 -0.20 -10.55
CA ILE A 145 23.79 0.99 -10.22
C ILE A 145 24.33 2.21 -10.96
N PRO A 146 25.61 2.56 -10.82
CA PRO A 146 26.07 3.78 -11.52
C PRO A 146 26.00 3.66 -13.03
N ALA A 147 26.18 2.47 -13.57
CA ALA A 147 26.09 2.30 -15.01
C ALA A 147 24.67 2.53 -15.48
N PHE A 148 23.69 2.06 -14.72
CA PHE A 148 22.30 2.28 -15.09
C PHE A 148 21.93 3.75 -14.98
N ILE A 149 22.44 4.44 -13.95
CA ILE A 149 22.12 5.85 -13.79
C ILE A 149 22.67 6.63 -14.96
N SER A 150 23.87 6.27 -15.45
CA SER A 150 24.42 6.96 -16.62
C SER A 150 23.59 6.70 -17.88
N LEU A 151 22.92 5.55 -17.95
CA LEU A 151 22.09 5.26 -19.10
C LEU A 151 20.75 6.00 -19.06
N LEU A 152 20.37 6.56 -17.92
CA LEU A 152 19.14 7.33 -17.87
C LEU A 152 19.17 8.48 -18.86
N ALA A 153 20.36 9.01 -19.15
CA ALA A 153 20.52 10.13 -20.07
C ALA A 153 20.78 9.69 -21.50
N SER A 154 20.66 8.40 -21.79
CA SER A 154 20.93 7.91 -23.12
C SER A 154 20.01 8.60 -24.13
N PRO A 155 20.54 8.99 -25.30
CA PRO A 155 19.65 9.54 -26.33
C PRO A 155 18.64 8.54 -26.87
N HIS A 156 18.79 7.25 -26.53
CA HIS A 156 17.88 6.21 -27.00
C HIS A 156 16.86 5.93 -25.91
N ALA A 157 15.59 6.22 -26.20
CA ALA A 157 14.54 6.14 -25.19
C ALA A 157 14.37 4.72 -24.67
N HIS A 158 14.50 3.73 -25.55
CA HIS A 158 14.33 2.36 -25.08
C HIS A 158 15.42 1.96 -24.10
N ILE A 159 16.61 2.54 -24.24
CA ILE A 159 17.71 2.23 -23.34
C ILE A 159 17.53 2.94 -22.01
N SER A 160 17.22 4.24 -22.06
CA SER A 160 16.91 4.94 -20.83
C SER A 160 15.79 4.23 -20.09
N GLU A 161 14.75 3.81 -20.81
CA GLU A 161 13.63 3.13 -20.17
C GLU A 161 14.07 1.83 -19.54
N GLN A 162 14.95 1.08 -20.21
CA GLN A 162 15.38 -0.17 -19.63
C GLN A 162 16.17 0.08 -18.35
N ALA A 163 16.96 1.14 -18.34
CA ALA A 163 17.70 1.51 -17.14
C ALA A 163 16.75 1.94 -16.04
N VAL A 164 15.69 2.66 -16.40
CA VAL A 164 14.68 3.01 -15.40
C VAL A 164 14.14 1.74 -14.74
N TRP A 165 13.74 0.77 -15.56
CA TRP A 165 13.22 -0.49 -15.07
C TRP A 165 14.24 -1.20 -14.18
N ALA A 166 15.47 -1.29 -14.63
CA ALA A 166 16.47 -2.00 -13.85
C ALA A 166 16.61 -1.36 -12.47
N LEU A 167 16.65 -0.02 -12.42
CA LEU A 167 16.81 0.67 -11.14
C LEU A 167 15.60 0.45 -10.26
N GLY A 168 14.41 0.31 -10.87
CA GLY A 168 13.24 -0.02 -10.09
C GLY A 168 13.32 -1.39 -9.46
N ASN A 169 13.86 -2.38 -10.19
CA ASN A 169 14.03 -3.69 -9.59
C ASN A 169 15.05 -3.66 -8.46
N ILE A 170 16.14 -2.90 -8.64
CA ILE A 170 17.14 -2.80 -7.58
C ILE A 170 16.53 -2.10 -6.38
N ALA A 171 15.89 -0.94 -6.61
CA ALA A 171 15.28 -0.21 -5.51
C ALA A 171 14.19 -1.04 -4.86
N GLY A 172 13.50 -1.86 -5.64
CA GLY A 172 12.41 -2.65 -5.11
C GLY A 172 12.86 -3.80 -4.25
N ASP A 173 14.15 -4.03 -4.17
CA ASP A 173 14.60 -5.09 -3.29
C ASP A 173 14.36 -4.75 -1.82
N GLY A 174 14.44 -3.49 -1.46
CA GLY A 174 14.26 -3.10 -0.07
C GLY A 174 14.97 -1.79 0.19
N SER A 175 14.93 -1.42 1.48
CA SER A 175 15.35 -0.08 1.88
C SER A 175 16.81 0.18 1.57
N ALA A 176 17.68 -0.80 1.84
CA ALA A 176 19.10 -0.58 1.64
C ALA A 176 19.43 -0.26 0.19
N PHE A 177 18.97 -1.12 -0.74
CA PHE A 177 19.29 -0.88 -2.15
C PHE A 177 18.54 0.35 -2.65
N ARG A 178 17.33 0.56 -2.17
CA ARG A 178 16.61 1.79 -2.51
C ARG A 178 17.47 2.99 -2.18
N ASP A 179 18.01 3.01 -0.97
CA ASP A 179 18.79 4.15 -0.51
C ASP A 179 20.11 4.22 -1.25
N LEU A 180 20.65 3.06 -1.65
CA LEU A 180 21.89 3.04 -2.41
C LEU A 180 21.67 3.60 -3.82
N VAL A 181 20.56 3.23 -4.45
CA VAL A 181 20.22 3.84 -5.73
C VAL A 181 20.12 5.36 -5.57
N ILE A 182 19.51 5.81 -4.48
CA ILE A 182 19.36 7.24 -4.25
C ILE A 182 20.73 7.88 -4.05
N LYS A 183 21.60 7.24 -3.25
CA LYS A 183 22.90 7.84 -2.99
C LYS A 183 23.74 7.95 -4.26
N HIS A 184 23.57 7.02 -5.19
CA HIS A 184 24.30 7.14 -6.44
C HIS A 184 23.76 8.23 -7.37
N GLY A 185 22.72 8.96 -6.96
CA GLY A 185 22.24 10.08 -7.73
C GLY A 185 21.16 9.78 -8.73
N ALA A 186 20.31 8.77 -8.48
CA ALA A 186 19.35 8.38 -9.50
C ALA A 186 18.18 9.36 -9.62
N ILE A 187 17.87 10.11 -8.57
CA ILE A 187 16.62 10.88 -8.59
C ILE A 187 16.69 12.00 -9.62
N ASP A 188 17.78 12.77 -9.63
CA ASP A 188 17.89 13.90 -10.55
C ASP A 188 17.63 13.45 -11.98
N PRO A 189 18.40 12.51 -12.53
CA PRO A 189 18.16 12.10 -13.92
C PRO A 189 16.80 11.45 -14.13
N LEU A 190 16.27 10.71 -13.16
CA LEU A 190 14.94 10.15 -13.32
C LEU A 190 13.91 11.25 -13.49
N LEU A 191 13.92 12.25 -12.59
CA LEU A 191 12.94 13.32 -12.67
C LEU A 191 13.13 14.18 -13.92
N ALA A 192 14.37 14.31 -14.39
CA ALA A 192 14.62 15.07 -15.62
C ALA A 192 13.91 14.43 -16.80
N LEU A 193 13.76 13.09 -16.79
CA LEU A 193 13.03 12.44 -17.86
C LEU A 193 11.56 12.86 -17.87
N LEU A 194 11.03 13.29 -16.73
CA LEU A 194 9.63 13.67 -16.57
C LEU A 194 9.43 15.17 -16.57
N ALA A 195 10.48 15.94 -16.78
CA ALA A 195 10.41 17.40 -16.76
C ALA A 195 10.00 17.88 -18.16
N VAL A 196 8.75 17.60 -18.48
CA VAL A 196 8.15 17.98 -19.77
C VAL A 196 6.90 18.79 -19.46
N PRO A 197 6.49 19.71 -20.34
CA PRO A 197 5.24 20.45 -20.09
C PRO A 197 4.02 19.56 -19.95
N ASP A 198 3.92 18.49 -20.73
CA ASP A 198 2.75 17.62 -20.72
C ASP A 198 3.25 16.18 -20.76
N LEU A 199 2.95 15.42 -19.72
CA LEU A 199 3.34 14.02 -19.64
C LEU A 199 2.81 13.22 -20.83
N SER A 200 1.73 13.67 -21.46
CA SER A 200 1.11 12.92 -22.54
C SER A 200 2.00 12.80 -23.76
N THR A 201 3.06 13.60 -23.84
CA THR A 201 4.00 13.50 -24.95
C THR A 201 5.00 12.37 -24.75
N LEU A 202 5.09 11.81 -23.56
CA LEU A 202 5.95 10.66 -23.33
C LEU A 202 5.24 9.38 -23.76
N ALA A 203 6.03 8.41 -24.20
CA ALA A 203 5.48 7.11 -24.53
C ALA A 203 4.86 6.46 -23.30
N CYS A 204 3.68 5.86 -23.50
CA CYS A 204 2.91 5.31 -22.40
C CYS A 204 3.72 4.33 -21.57
N GLY A 205 4.41 3.41 -22.21
CA GLY A 205 5.17 2.43 -21.46
C GLY A 205 6.33 3.06 -20.71
N TYR A 206 6.99 4.04 -21.35
CA TYR A 206 8.05 4.79 -20.68
C TYR A 206 7.53 5.46 -19.41
N LEU A 207 6.40 6.14 -19.51
CA LEU A 207 5.86 6.85 -18.35
C LEU A 207 5.48 5.87 -17.24
N ARG A 208 4.92 4.72 -17.61
CA ARG A 208 4.53 3.73 -16.60
C ARG A 208 5.74 3.18 -15.87
N ASN A 209 6.84 2.96 -16.59
CA ASN A 209 8.02 2.44 -15.94
C ASN A 209 8.65 3.48 -15.05
N LEU A 210 8.70 4.72 -15.53
CA LEU A 210 9.22 5.81 -14.71
C LEU A 210 8.41 5.93 -13.42
N THR A 211 7.08 5.81 -13.53
CA THR A 211 6.22 5.94 -12.36
C THR A 211 6.41 4.76 -11.41
N TRP A 212 6.47 3.54 -11.95
CA TRP A 212 6.70 2.38 -11.11
C TRP A 212 8.05 2.47 -10.41
N THR A 213 9.10 2.90 -11.12
CA THR A 213 10.41 3.01 -10.45
C THR A 213 10.37 4.08 -9.37
N LEU A 214 9.79 5.25 -9.67
CA LEU A 214 9.66 6.26 -8.62
C LEU A 214 8.88 5.70 -7.43
N SER A 215 7.86 4.90 -7.69
CA SER A 215 7.10 4.34 -6.59
C SER A 215 7.98 3.47 -5.70
N ASN A 216 8.92 2.73 -6.29
CA ASN A 216 9.80 1.89 -5.48
C ASN A 216 10.78 2.73 -4.68
N LEU A 217 11.13 3.91 -5.19
CA LEU A 217 11.99 4.81 -4.42
C LEU A 217 11.23 5.40 -3.25
N CYS A 218 9.89 5.34 -3.28
CA CYS A 218 9.05 5.79 -2.17
C CYS A 218 8.70 4.68 -1.21
N ARG A 219 8.97 3.43 -1.59
CA ARG A 219 8.47 2.25 -0.91
C ARG A 219 9.42 1.77 0.17
N ASN A 220 8.85 1.05 1.14
CA ASN A 220 9.53 0.35 2.22
C ASN A 220 9.89 1.27 3.39
N LYS A 221 10.04 0.67 4.56
CA LYS A 221 10.25 1.37 5.82
C LYS A 221 11.46 0.75 6.50
N ASN A 222 11.78 1.25 7.69
CA ASN A 222 12.91 0.77 8.45
C ASN A 222 14.19 0.75 7.60
N PRO A 223 14.62 1.91 7.09
CA PRO A 223 13.99 3.23 7.26
C PRO A 223 13.06 3.55 6.11
N ALA A 224 12.22 4.55 6.29
CA ALA A 224 11.52 5.17 5.18
C ALA A 224 12.53 5.88 4.29
N PRO A 225 12.13 6.25 3.08
CA PRO A 225 13.07 6.92 2.18
C PRO A 225 13.58 8.21 2.79
N PRO A 226 14.76 8.66 2.40
CA PRO A 226 15.28 9.92 2.94
C PRO A 226 14.32 11.08 2.69
N LEU A 227 14.15 11.91 3.71
CA LEU A 227 13.21 13.01 3.62
C LEU A 227 13.49 13.90 2.41
N ASP A 228 14.77 14.20 2.15
CA ASP A 228 15.10 15.06 1.02
C ASP A 228 14.76 14.40 -0.31
N ALA A 229 14.90 13.07 -0.40
CA ALA A 229 14.50 12.37 -1.61
C ALA A 229 12.98 12.46 -1.80
N VAL A 230 12.22 12.23 -0.73
CA VAL A 230 10.77 12.36 -0.82
C VAL A 230 10.40 13.75 -1.31
N GLU A 231 11.00 14.78 -0.72
CA GLU A 231 10.64 16.15 -1.09
C GLU A 231 11.00 16.43 -2.54
N GLN A 232 12.11 15.88 -3.01
CA GLN A 232 12.51 16.06 -4.41
C GLN A 232 11.57 15.34 -5.36
N ILE A 233 11.03 14.20 -4.93
CA ILE A 233 10.20 13.40 -5.81
C ILE A 233 8.76 13.89 -5.82
N LEU A 234 8.30 14.44 -4.71
CA LEU A 234 6.86 14.64 -4.56
C LEU A 234 6.26 15.49 -5.66
N PRO A 235 6.83 16.61 -6.06
CA PRO A 235 6.15 17.44 -7.09
C PRO A 235 5.92 16.66 -8.37
N THR A 236 6.87 15.82 -8.77
CA THR A 236 6.66 15.00 -9.96
C THR A 236 5.58 13.98 -9.70
N LEU A 237 5.63 13.36 -8.52
CA LEU A 237 4.64 12.34 -8.19
C LEU A 237 3.22 12.90 -8.21
N VAL A 238 3.02 14.09 -7.67
CA VAL A 238 1.70 14.69 -7.71
C VAL A 238 1.26 14.93 -9.14
N ARG A 239 2.20 15.26 -10.03
CA ARG A 239 1.86 15.44 -11.43
C ARG A 239 1.45 14.12 -12.06
N LEU A 240 2.11 13.02 -11.69
CA LEU A 240 1.69 11.70 -12.17
C LEU A 240 0.33 11.30 -11.61
N LEU A 241 0.05 11.70 -10.37
CA LEU A 241 -1.22 11.37 -9.75
C LEU A 241 -2.40 12.01 -10.46
N HIS A 242 -2.14 13.00 -11.30
CA HIS A 242 -3.17 13.63 -12.12
C HIS A 242 -3.13 13.17 -13.57
N HIS A 243 -2.24 12.27 -13.92
CA HIS A 243 -2.17 11.76 -15.28
C HIS A 243 -3.34 10.82 -15.54
N ASN A 244 -3.75 10.74 -16.80
CA ASN A 244 -4.95 10.00 -17.18
C ASN A 244 -4.70 8.51 -17.45
N ASP A 245 -3.54 8.02 -17.20
CA ASP A 245 -3.32 6.59 -17.50
C ASP A 245 -3.60 5.75 -16.25
N PRO A 246 -4.44 4.71 -16.35
CA PRO A 246 -4.79 3.94 -15.14
C PRO A 246 -3.60 3.31 -14.43
N GLU A 247 -2.58 2.84 -15.17
CA GLU A 247 -1.45 2.22 -14.51
C GLU A 247 -0.55 3.26 -13.86
N VAL A 248 -0.42 4.42 -14.50
CA VAL A 248 0.33 5.51 -13.88
C VAL A 248 -0.38 6.00 -12.62
N LEU A 249 -1.70 6.13 -12.67
CA LEU A 249 -2.46 6.54 -11.49
C LEU A 249 -2.33 5.53 -10.36
N ALA A 250 -2.37 4.23 -10.70
CA ALA A 250 -2.31 3.21 -9.66
C ALA A 250 -0.96 3.23 -8.94
N ASP A 251 0.13 3.30 -9.72
CA ASP A 251 1.47 3.27 -9.13
C ASP A 251 1.80 4.59 -8.43
N SER A 252 1.31 5.71 -8.96
CA SER A 252 1.41 6.98 -8.26
C SER A 252 0.69 6.94 -6.93
N CYS A 253 -0.53 6.38 -6.93
CA CYS A 253 -1.27 6.23 -5.69
C CYS A 253 -0.53 5.32 -4.72
N TRP A 254 0.06 4.23 -5.22
CA TRP A 254 0.83 3.37 -4.34
C TRP A 254 1.97 4.13 -3.74
N ALA A 255 2.67 4.93 -4.54
CA ALA A 255 3.78 5.73 -4.04
C ALA A 255 3.31 6.63 -2.92
N ILE A 256 2.18 7.29 -3.13
CA ILE A 256 1.61 8.17 -2.09
C ILE A 256 1.23 7.35 -0.87
N SER A 257 0.65 6.17 -1.08
CA SER A 257 0.33 5.32 0.07
C SER A 257 1.58 4.98 0.87
N TYR A 258 2.70 4.71 0.18
CA TYR A 258 3.93 4.39 0.92
C TYR A 258 4.41 5.61 1.71
N LEU A 259 4.37 6.78 1.09
CA LEU A 259 4.87 7.99 1.72
C LEU A 259 4.04 8.39 2.93
N THR A 260 2.76 8.05 2.94
CA THR A 260 1.87 8.39 4.05
C THR A 260 1.82 7.30 5.11
N ASP A 261 2.49 6.17 4.89
CA ASP A 261 2.55 5.07 5.85
C ASP A 261 3.74 5.36 6.76
N GLY A 262 3.51 6.14 7.80
CA GLY A 262 4.59 6.50 8.69
C GLY A 262 4.15 7.58 9.65
N PRO A 263 5.12 8.25 10.28
CA PRO A 263 4.78 9.29 11.26
C PRO A 263 4.01 10.44 10.64
N ASN A 264 3.37 11.24 11.49
CA ASN A 264 2.52 12.32 11.03
C ASN A 264 3.30 13.33 10.20
N GLU A 265 4.60 13.50 10.46
CA GLU A 265 5.43 14.40 9.68
C GLU A 265 5.56 13.95 8.22
N ARG A 266 5.66 12.65 7.99
CA ARG A 266 5.65 12.17 6.62
C ARG A 266 4.27 12.36 5.99
N ILE A 267 3.21 12.09 6.74
CA ILE A 267 1.88 12.36 6.22
C ILE A 267 1.76 13.83 5.83
N GLU A 268 2.28 14.73 6.67
CA GLU A 268 2.12 16.16 6.45
C GLU A 268 2.82 16.60 5.17
N MET A 269 4.01 16.05 4.92
CA MET A 269 4.72 16.37 3.68
C MET A 269 3.83 16.12 2.48
N VAL A 270 3.07 15.04 2.51
CA VAL A 270 2.24 14.67 1.37
C VAL A 270 1.00 15.55 1.32
N VAL A 271 0.33 15.70 2.45
CA VAL A 271 -0.91 16.46 2.50
C VAL A 271 -0.66 17.90 2.09
N LYS A 272 0.50 18.44 2.49
CA LYS A 272 0.85 19.82 2.11
C LYS A 272 0.90 20.00 0.61
N LYS A 273 1.16 18.95 -0.16
CA LYS A 273 1.19 19.06 -1.61
C LYS A 273 -0.20 19.10 -2.22
N GLY A 274 -1.25 19.00 -1.42
CA GLY A 274 -2.59 19.16 -1.93
C GLY A 274 -3.15 17.95 -2.65
N VAL A 275 -2.62 16.76 -2.38
CA VAL A 275 -3.06 15.57 -3.12
C VAL A 275 -4.36 14.97 -2.61
N VAL A 276 -4.85 15.37 -1.44
CA VAL A 276 -6.02 14.70 -0.86
C VAL A 276 -7.23 14.79 -1.78
N PRO A 277 -7.59 15.94 -2.35
CA PRO A 277 -8.73 15.91 -3.30
C PRO A 277 -8.55 14.91 -4.42
N GLN A 278 -7.35 14.84 -5.02
CA GLN A 278 -7.14 13.88 -6.08
C GLN A 278 -7.23 12.45 -5.55
N LEU A 279 -6.71 12.20 -4.35
CA LEU A 279 -6.86 10.87 -3.78
C LEU A 279 -8.33 10.51 -3.62
N VAL A 280 -9.15 11.47 -3.17
CA VAL A 280 -10.58 11.19 -2.98
C VAL A 280 -11.26 10.96 -4.31
N LYS A 281 -10.91 11.74 -5.34
CA LYS A 281 -11.41 11.46 -6.67
C LYS A 281 -11.06 10.03 -7.10
N LEU A 282 -9.80 9.64 -6.92
CA LEU A 282 -9.37 8.30 -7.30
C LEU A 282 -10.03 7.24 -6.43
N LEU A 283 -10.36 7.58 -5.19
CA LEU A 283 -11.09 6.69 -4.30
C LEU A 283 -12.42 6.29 -4.91
N GLY A 284 -12.97 7.12 -5.78
CA GLY A 284 -14.22 6.79 -6.44
C GLY A 284 -14.01 6.23 -7.83
N ALA A 285 -12.82 5.78 -8.15
CA ALA A 285 -12.57 5.27 -9.49
C ALA A 285 -13.23 3.89 -9.68
N THR A 286 -13.43 3.54 -10.95
CA THR A 286 -14.01 2.23 -11.25
C THR A 286 -12.94 1.14 -11.25
N GLU A 287 -11.69 1.49 -11.50
CA GLU A 287 -10.60 0.51 -11.55
C GLU A 287 -10.15 0.17 -10.14
N LEU A 288 -10.41 -1.06 -9.72
CA LEU A 288 -9.92 -1.54 -8.43
C LEU A 288 -8.45 -1.29 -8.20
N PRO A 289 -7.55 -1.49 -9.17
CA PRO A 289 -6.14 -1.20 -8.91
C PRO A 289 -5.87 0.25 -8.60
N ILE A 290 -6.82 1.15 -8.85
CA ILE A 290 -6.68 2.54 -8.40
C ILE A 290 -7.36 2.76 -7.06
N VAL A 291 -8.55 2.22 -6.87
CA VAL A 291 -9.23 2.40 -5.58
C VAL A 291 -8.36 1.88 -4.45
N THR A 292 -7.73 0.72 -4.67
CA THR A 292 -7.01 0.06 -3.57
C THR A 292 -5.90 0.93 -3.03
N PRO A 293 -4.97 1.42 -3.85
CA PRO A 293 -3.93 2.31 -3.30
C PRO A 293 -4.48 3.65 -2.84
N ALA A 294 -5.51 4.18 -3.52
CA ALA A 294 -6.09 5.45 -3.09
C ALA A 294 -6.68 5.30 -1.70
N LEU A 295 -7.38 4.20 -1.45
CA LEU A 295 -7.93 3.95 -0.12
C LEU A 295 -6.83 3.74 0.90
N ARG A 296 -5.78 2.99 0.56
CA ARG A 296 -4.66 2.81 1.48
C ARG A 296 -4.08 4.16 1.88
N ALA A 297 -3.87 5.04 0.89
CA ALA A 297 -3.35 6.36 1.16
C ALA A 297 -4.28 7.17 2.04
N ILE A 298 -5.59 7.17 1.73
CA ILE A 298 -6.53 7.90 2.57
C ILE A 298 -6.51 7.32 3.97
N GLY A 299 -6.50 5.98 4.07
CA GLY A 299 -6.44 5.34 5.36
C GLY A 299 -5.21 5.73 6.15
N ASN A 300 -4.05 5.77 5.48
CA ASN A 300 -2.85 6.21 6.16
C ASN A 300 -2.99 7.62 6.67
N ILE A 301 -3.52 8.52 5.83
CA ILE A 301 -3.58 9.92 6.20
C ILE A 301 -4.45 10.11 7.44
N VAL A 302 -5.55 9.34 7.55
CA VAL A 302 -6.40 9.49 8.73
C VAL A 302 -5.83 8.82 9.97
N THR A 303 -4.70 8.13 9.86
CA THR A 303 -4.01 7.74 11.09
C THR A 303 -3.24 8.90 11.70
N GLY A 304 -3.17 10.04 11.00
CA GLY A 304 -2.38 11.16 11.47
C GLY A 304 -3.18 12.04 12.41
N THR A 305 -2.98 13.34 12.33
CA THR A 305 -3.62 14.25 13.26
C THR A 305 -5.08 14.48 12.85
N ASP A 306 -5.83 15.07 13.78
CA ASP A 306 -7.22 15.42 13.47
C ASP A 306 -7.29 16.41 12.32
N GLU A 307 -6.31 17.30 12.21
CA GLU A 307 -6.26 18.23 11.09
C GLU A 307 -6.03 17.49 9.77
N GLN A 308 -5.06 16.59 9.74
CA GLN A 308 -4.87 15.78 8.54
C GLN A 308 -6.13 14.98 8.23
N THR A 309 -6.74 14.39 9.25
CA THR A 309 -7.98 13.67 9.05
C THR A 309 -9.07 14.59 8.52
N GLN A 310 -9.14 15.81 9.02
CA GLN A 310 -10.18 16.75 8.58
C GLN A 310 -10.01 17.09 7.11
N LYS A 311 -8.77 17.18 6.63
CA LYS A 311 -8.52 17.40 5.22
C LYS A 311 -9.18 16.32 4.37
N VAL A 312 -9.13 15.07 4.83
CA VAL A 312 -9.77 13.99 4.11
C VAL A 312 -11.29 14.17 4.10
N ILE A 313 -11.86 14.50 5.26
CA ILE A 313 -13.30 14.73 5.33
C ILE A 313 -13.70 15.90 4.43
N ASP A 314 -12.98 17.03 4.53
CA ASP A 314 -13.34 18.21 3.76
C ASP A 314 -13.26 17.97 2.26
N ALA A 315 -12.39 17.07 1.82
CA ALA A 315 -12.29 16.75 0.40
C ALA A 315 -13.45 15.90 -0.09
N GLY A 316 -14.33 15.45 0.80
CA GLY A 316 -15.47 14.66 0.41
C GLY A 316 -15.31 13.17 0.51
N ALA A 317 -14.29 12.69 1.24
CA ALA A 317 -14.02 11.26 1.26
C ALA A 317 -15.21 10.46 1.79
N LEU A 318 -15.90 11.01 2.79
CA LEU A 318 -16.92 10.20 3.46
C LEU A 318 -18.05 9.83 2.53
N ALA A 319 -18.31 10.65 1.50
CA ALA A 319 -19.39 10.35 0.55
C ALA A 319 -19.11 9.09 -0.26
N VAL A 320 -17.86 8.66 -0.35
CA VAL A 320 -17.54 7.45 -1.08
C VAL A 320 -17.68 6.20 -0.22
N PHE A 321 -17.85 6.35 1.07
CA PHE A 321 -17.80 5.15 1.90
C PHE A 321 -19.05 4.28 1.91
N PRO A 322 -20.23 4.76 1.53
CA PRO A 322 -21.32 3.81 1.28
C PRO A 322 -20.89 2.70 0.32
N SER A 323 -20.20 3.08 -0.76
CA SER A 323 -19.75 2.08 -1.73
C SER A 323 -18.58 1.29 -1.18
N LEU A 324 -17.63 1.96 -0.51
CA LEU A 324 -16.45 1.23 -0.05
C LEU A 324 -16.81 0.22 1.03
N LEU A 325 -17.72 0.57 1.94
CA LEU A 325 -18.13 -0.32 3.02
C LEU A 325 -19.02 -1.46 2.54
N THR A 326 -19.50 -1.40 1.30
CA THR A 326 -20.26 -2.50 0.71
C THR A 326 -19.52 -3.08 -0.49
N ASN A 327 -18.25 -2.74 -0.67
CA ASN A 327 -17.53 -3.14 -1.87
C ASN A 327 -17.37 -4.65 -1.90
N PRO A 328 -17.62 -5.29 -3.06
CA PRO A 328 -17.53 -6.76 -3.08
C PRO A 328 -16.12 -7.30 -2.86
N LYS A 329 -15.08 -6.47 -3.02
CA LYS A 329 -13.74 -6.89 -2.69
C LYS A 329 -13.52 -6.79 -1.18
N THR A 330 -13.27 -7.93 -0.54
CA THR A 330 -13.13 -7.97 0.91
C THR A 330 -12.08 -6.99 1.41
N ASN A 331 -10.94 -6.93 0.73
CA ASN A 331 -9.84 -6.06 1.16
C ASN A 331 -10.26 -4.60 1.15
N ILE A 332 -11.08 -4.19 0.17
CA ILE A 332 -11.59 -2.82 0.15
C ILE A 332 -12.47 -2.58 1.37
N GLN A 333 -13.40 -3.50 1.63
CA GLN A 333 -14.29 -3.35 2.78
C GLN A 333 -13.49 -3.23 4.07
N LYS A 334 -12.50 -4.12 4.23
CA LYS A 334 -11.66 -4.11 5.41
C LYS A 334 -10.93 -2.79 5.54
N GLU A 335 -10.22 -2.37 4.48
CA GLU A 335 -9.46 -1.12 4.55
C GLU A 335 -10.35 0.08 4.77
N ALA A 336 -11.55 0.05 4.18
CA ALA A 336 -12.50 1.13 4.39
C ALA A 336 -13.00 1.14 5.82
N THR A 337 -13.24 -0.03 6.40
CA THR A 337 -13.70 -0.08 7.79
C THR A 337 -12.57 0.30 8.72
N TRP A 338 -11.35 -0.08 8.38
CA TRP A 338 -10.19 0.39 9.13
C TRP A 338 -10.08 1.91 9.09
N THR A 339 -10.21 2.49 7.90
CA THR A 339 -10.21 3.94 7.77
C THR A 339 -11.31 4.55 8.61
N MET A 340 -12.49 3.96 8.59
CA MET A 340 -13.58 4.47 9.40
C MET A 340 -13.24 4.43 10.88
N SER A 341 -12.61 3.34 11.33
CA SER A 341 -12.28 3.24 12.75
C SER A 341 -11.32 4.36 13.16
N ASN A 342 -10.45 4.77 12.24
CA ASN A 342 -9.53 5.85 12.58
C ASN A 342 -10.20 7.20 12.49
N ILE A 343 -11.28 7.31 11.73
CA ILE A 343 -12.03 8.54 11.71
C ILE A 343 -12.91 8.65 12.96
N THR A 344 -13.52 7.54 13.37
CA THR A 344 -14.33 7.57 14.58
C THR A 344 -13.47 7.70 15.84
N ALA A 345 -12.16 7.60 15.71
CA ALA A 345 -11.23 7.92 16.79
C ALA A 345 -10.89 9.40 16.81
N GLY A 346 -11.49 10.20 15.95
CA GLY A 346 -11.22 11.62 15.86
C GLY A 346 -12.12 12.44 16.76
N ARG A 347 -12.29 13.70 16.39
CA ARG A 347 -13.04 14.66 17.16
C ARG A 347 -14.54 14.35 17.13
N GLN A 348 -15.27 14.92 18.08
CA GLN A 348 -16.72 14.73 18.08
C GLN A 348 -17.36 15.32 16.83
N ASP A 349 -16.85 16.46 16.35
CA ASP A 349 -17.37 16.99 15.08
C ASP A 349 -17.03 16.06 13.91
N GLN A 350 -15.93 15.31 14.00
CA GLN A 350 -15.62 14.35 12.93
C GLN A 350 -16.55 13.14 13.02
N ILE A 351 -16.74 12.61 14.23
CA ILE A 351 -17.79 11.59 14.41
C ILE A 351 -19.11 12.09 13.86
N GLN A 352 -19.44 13.36 14.12
CA GLN A 352 -20.70 13.89 13.66
C GLN A 352 -20.80 13.84 12.14
N GLN A 353 -19.70 14.17 11.44
N GLN A 353 -19.70 14.17 11.44
CA GLN A 353 -19.73 14.09 9.98
CA GLN A 353 -19.74 14.10 9.98
C GLN A 353 -19.87 12.65 9.51
C GLN A 353 -19.86 12.66 9.51
N VAL A 354 -19.34 11.70 10.27
CA VAL A 354 -19.58 10.30 9.96
C VAL A 354 -21.08 10.00 10.07
N VAL A 355 -21.73 10.52 11.12
CA VAL A 355 -23.17 10.40 11.28
C VAL A 355 -23.89 11.07 10.11
N ASN A 356 -23.51 12.32 9.81
CA ASN A 356 -24.24 13.09 8.81
C ASN A 356 -24.18 12.45 7.44
N HIS A 357 -23.08 11.75 7.13
CA HIS A 357 -22.97 11.05 5.86
C HIS A 357 -23.67 9.71 5.86
N GLY A 358 -24.36 9.35 6.94
CA GLY A 358 -25.17 8.16 6.94
C GLY A 358 -24.36 6.89 7.03
N LEU A 359 -23.17 6.96 7.62
CA LEU A 359 -22.27 5.83 7.60
C LEU A 359 -22.46 4.87 8.77
N VAL A 360 -23.17 5.29 9.83
CA VAL A 360 -23.37 4.39 10.96
C VAL A 360 -24.17 3.16 10.52
N PRO A 361 -25.25 3.29 9.75
CA PRO A 361 -25.91 2.07 9.24
C PRO A 361 -24.99 1.17 8.45
N PHE A 362 -24.01 1.76 7.73
CA PHE A 362 -23.02 0.96 7.02
C PHE A 362 -22.08 0.26 7.97
N LEU A 363 -21.74 0.88 9.10
CA LEU A 363 -20.97 0.15 10.09
C LEU A 363 -21.80 -0.95 10.72
N VAL A 364 -23.09 -0.69 10.96
CA VAL A 364 -23.96 -1.75 11.49
C VAL A 364 -24.02 -2.91 10.50
N GLY A 365 -24.09 -2.61 9.20
CA GLY A 365 -24.12 -3.66 8.21
C GLY A 365 -22.85 -4.49 8.21
N VAL A 366 -21.70 -3.83 8.18
CA VAL A 366 -20.43 -4.54 8.23
C VAL A 366 -20.37 -5.42 9.47
N LEU A 367 -20.74 -4.88 10.62
CA LEU A 367 -20.75 -5.66 11.85
C LEU A 367 -21.68 -6.84 11.73
N SER A 368 -22.79 -6.67 11.01
CA SER A 368 -23.79 -7.73 10.91
C SER A 368 -23.34 -8.85 9.97
N LYS A 369 -22.68 -8.50 8.87
CA LYS A 369 -22.28 -9.45 7.85
C LYS A 369 -21.07 -8.87 7.14
N ALA A 370 -19.95 -9.58 7.22
CA ALA A 370 -18.71 -9.22 6.53
C ALA A 370 -17.69 -10.29 6.90
N ASP A 371 -16.58 -10.29 6.17
CA ASP A 371 -15.45 -11.12 6.57
C ASP A 371 -15.05 -10.77 7.99
N PHE A 372 -14.61 -11.77 8.76
CA PHE A 372 -14.39 -11.53 10.18
C PHE A 372 -13.39 -10.42 10.42
N LYS A 373 -12.37 -10.30 9.57
CA LYS A 373 -11.37 -9.26 9.77
C LYS A 373 -11.98 -7.88 9.57
N THR A 374 -12.89 -7.75 8.61
CA THR A 374 -13.63 -6.50 8.45
C THR A 374 -14.50 -6.25 9.68
N GLN A 375 -15.18 -7.29 10.16
CA GLN A 375 -16.00 -7.14 11.35
C GLN A 375 -15.16 -6.70 12.54
N LYS A 376 -13.93 -7.19 12.64
CA LYS A 376 -13.06 -6.74 13.72
C LYS A 376 -12.72 -5.26 13.60
N GLU A 377 -12.45 -4.79 12.38
CA GLU A 377 -12.27 -3.36 12.17
C GLU A 377 -13.53 -2.59 12.53
N ALA A 378 -14.71 -3.14 12.18
CA ALA A 378 -15.95 -2.46 12.52
C ALA A 378 -16.15 -2.40 14.03
N ALA A 379 -15.81 -3.47 14.73
CA ALA A 379 -15.88 -3.44 16.19
C ALA A 379 -14.97 -2.34 16.73
N TRP A 380 -13.77 -2.20 16.16
CA TRP A 380 -12.89 -1.13 16.58
C TRP A 380 -13.50 0.25 16.29
N ALA A 381 -14.14 0.38 15.13
CA ALA A 381 -14.75 1.67 14.78
C ALA A 381 -15.84 2.03 15.77
N ILE A 382 -16.58 1.03 16.23
CA ILE A 382 -17.65 1.27 17.21
C ILE A 382 -17.06 1.64 18.56
N THR A 383 -16.03 0.92 19.01
CA THR A 383 -15.42 1.25 20.29
C THR A 383 -14.83 2.66 20.27
N ASN A 384 -14.16 3.02 19.17
CA ASN A 384 -13.61 4.37 19.08
C ASN A 384 -14.72 5.41 19.08
N TYR A 385 -15.77 5.16 18.29
CA TYR A 385 -16.94 6.03 18.27
C TYR A 385 -17.51 6.21 19.67
N THR A 386 -17.75 5.12 20.39
CA THR A 386 -18.38 5.20 21.68
C THR A 386 -17.44 5.76 22.75
N SER A 387 -16.13 5.64 22.56
CA SER A 387 -15.22 6.23 23.53
C SER A 387 -15.14 7.74 23.37
N GLY A 388 -15.15 8.23 22.13
CA GLY A 388 -15.02 9.66 21.88
C GLY A 388 -16.31 10.41 21.62
N GLY A 389 -17.40 9.67 21.39
CA GLY A 389 -18.64 10.28 20.97
C GLY A 389 -19.41 10.94 22.11
N THR A 390 -20.34 11.82 21.72
CA THR A 390 -21.26 12.40 22.68
C THR A 390 -22.32 11.37 23.05
N VAL A 391 -23.06 11.65 24.13
CA VAL A 391 -24.16 10.76 24.48
C VAL A 391 -25.18 10.68 23.33
N GLU A 392 -25.46 11.83 22.68
CA GLU A 392 -26.41 11.83 21.57
C GLU A 392 -25.92 10.98 20.41
N GLN A 393 -24.62 11.05 20.11
CA GLN A 393 -24.06 10.20 19.08
C GLN A 393 -24.13 8.72 19.47
N ILE A 394 -23.89 8.43 20.75
CA ILE A 394 -23.90 7.03 21.18
C ILE A 394 -25.31 6.46 21.12
N VAL A 395 -26.32 7.22 21.56
CA VAL A 395 -27.68 6.71 21.48
C VAL A 395 -28.07 6.50 20.02
N TYR A 396 -27.70 7.44 19.15
CA TYR A 396 -27.97 7.28 17.72
C TYR A 396 -27.44 5.95 17.22
N LEU A 397 -26.22 5.59 17.63
CA LEU A 397 -25.64 4.30 17.30
C LEU A 397 -26.56 3.17 17.72
N VAL A 398 -27.14 3.26 18.91
CA VAL A 398 -28.05 2.23 19.37
C VAL A 398 -29.31 2.19 18.52
N HIS A 399 -29.86 3.36 18.18
CA HIS A 399 -31.06 3.38 17.35
C HIS A 399 -30.80 2.82 15.96
N CYS A 400 -29.55 2.84 15.50
CA CYS A 400 -29.22 2.27 14.20
C CYS A 400 -29.12 0.76 14.23
N GLY A 401 -29.24 0.14 15.40
CA GLY A 401 -29.23 -1.30 15.50
C GLY A 401 -27.88 -1.90 15.80
N ILE A 402 -27.00 -1.19 16.50
CA ILE A 402 -25.66 -1.70 16.71
C ILE A 402 -25.64 -2.87 17.71
N ILE A 403 -26.60 -2.91 18.63
CA ILE A 403 -26.48 -3.82 19.78
C ILE A 403 -26.49 -5.27 19.32
N GLU A 404 -27.52 -5.66 18.59
CA GLU A 404 -27.63 -7.07 18.19
C GLU A 404 -26.40 -7.57 17.45
N PRO A 405 -25.94 -6.94 16.37
CA PRO A 405 -24.75 -7.47 15.68
C PRO A 405 -23.51 -7.40 16.55
N LEU A 406 -23.42 -6.40 17.42
CA LEU A 406 -22.27 -6.32 18.33
C LEU A 406 -22.27 -7.50 19.30
N MET A 407 -23.44 -7.80 19.89
CA MET A 407 -23.52 -8.94 20.79
C MET A 407 -23.24 -10.25 20.04
N ASN A 408 -23.73 -10.37 18.81
CA ASN A 408 -23.52 -11.60 18.06
C ASN A 408 -22.03 -11.88 17.83
N LEU A 409 -21.21 -10.82 17.80
CA LEU A 409 -19.78 -10.99 17.60
C LEU A 409 -19.06 -11.46 18.86
N LEU A 410 -19.72 -11.45 20.01
CA LEU A 410 -19.10 -11.97 21.22
C LEU A 410 -18.94 -13.48 21.20
N SER A 411 -19.54 -14.17 20.24
CA SER A 411 -19.43 -15.62 20.12
C SER A 411 -18.27 -16.05 19.22
N ALA A 412 -17.28 -15.17 19.03
CA ALA A 412 -16.14 -15.46 18.18
C ALA A 412 -14.96 -15.95 19.02
N LYS A 413 -14.19 -16.87 18.44
CA LYS A 413 -13.01 -17.41 19.12
C LYS A 413 -11.80 -16.51 18.84
N ASP A 414 -11.90 -15.28 19.35
CA ASP A 414 -10.86 -14.28 19.18
C ASP A 414 -10.94 -13.32 20.36
N THR A 415 -9.83 -13.19 21.10
CA THR A 415 -9.88 -12.46 22.36
C THR A 415 -9.84 -10.95 22.15
N LYS A 416 -9.07 -10.48 21.17
CA LYS A 416 -8.97 -9.05 20.93
C LYS A 416 -10.34 -8.44 20.67
N ILE A 417 -11.09 -9.01 19.73
CA ILE A 417 -12.39 -8.44 19.39
C ILE A 417 -13.32 -8.46 20.60
N ILE A 418 -13.24 -9.51 21.41
CA ILE A 418 -14.07 -9.61 22.62
C ILE A 418 -13.84 -8.39 23.51
N GLN A 419 -12.56 -8.10 23.81
CA GLN A 419 -12.26 -6.95 24.64
C GLN A 419 -12.75 -5.66 24.01
N VAL A 420 -12.56 -5.51 22.70
CA VAL A 420 -13.04 -4.32 22.01
C VAL A 420 -14.55 -4.19 22.16
N ILE A 421 -15.28 -5.29 22.00
CA ILE A 421 -16.74 -5.21 22.08
C ILE A 421 -17.17 -4.88 23.50
N LEU A 422 -16.54 -5.51 24.49
CA LEU A 422 -16.91 -5.25 25.87
C LEU A 422 -16.64 -3.79 26.23
N ASP A 423 -15.56 -3.21 25.69
CA ASP A 423 -15.31 -1.79 25.91
C ASP A 423 -16.42 -0.94 25.29
N ALA A 424 -16.84 -1.30 24.09
CA ALA A 424 -17.94 -0.57 23.45
C ALA A 424 -19.21 -0.69 24.28
N ILE A 425 -19.55 -1.91 24.71
CA ILE A 425 -20.74 -2.11 25.54
C ILE A 425 -20.67 -1.21 26.78
N SER A 426 -19.51 -1.18 27.43
CA SER A 426 -19.35 -0.33 28.61
C SER A 426 -19.58 1.13 28.27
N ASN A 427 -18.99 1.59 27.17
CA ASN A 427 -19.16 2.99 26.76
C ASN A 427 -20.62 3.31 26.51
N ILE A 428 -21.35 2.37 25.89
CA ILE A 428 -22.77 2.60 25.64
C ILE A 428 -23.53 2.61 26.96
N PHE A 429 -23.20 1.69 27.86
CA PHE A 429 -23.86 1.69 29.17
C PHE A 429 -23.59 3.00 29.91
N GLN A 430 -22.36 3.50 29.82
CA GLN A 430 -22.08 4.78 30.47
C GLN A 430 -22.93 5.90 29.87
N ALA A 431 -23.15 5.85 28.56
CA ALA A 431 -24.03 6.84 27.93
C ALA A 431 -25.45 6.68 28.43
N ALA A 432 -25.95 5.43 28.48
CA ALA A 432 -27.30 5.19 28.97
C ALA A 432 -27.43 5.61 30.43
N GLU A 433 -26.41 5.31 31.24
CA GLU A 433 -26.42 5.75 32.64
C GLU A 433 -26.59 7.27 32.73
N LYS A 434 -25.87 8.03 31.90
CA LYS A 434 -26.02 9.48 31.89
C LYS A 434 -27.44 9.90 31.52
N LEU A 435 -28.20 9.03 30.86
CA LEU A 435 -29.57 9.32 30.49
C LEU A 435 -30.61 8.65 31.38
N GLY A 436 -30.19 7.77 32.29
CA GLY A 436 -31.12 7.03 33.12
C GLY A 436 -31.80 5.87 32.43
N GLU A 437 -31.44 5.57 31.18
CA GLU A 437 -32.01 4.46 30.42
C GLU A 437 -31.14 3.21 30.47
N THR A 438 -30.29 3.08 31.51
CA THR A 438 -29.42 1.93 31.62
C THR A 438 -30.21 0.62 31.52
N GLU A 439 -31.37 0.57 32.17
CA GLU A 439 -32.16 -0.67 32.20
C GLU A 439 -32.65 -1.04 30.80
N LYS A 440 -33.07 -0.03 30.02
CA LYS A 440 -33.57 -0.31 28.67
C LYS A 440 -32.49 -0.99 27.83
N LEU A 441 -31.24 -0.54 27.93
CA LEU A 441 -30.15 -1.19 27.23
C LEU A 441 -29.97 -2.62 27.72
N SER A 442 -29.98 -2.80 29.06
CA SER A 442 -29.84 -4.13 29.63
C SER A 442 -30.88 -5.09 29.03
N ILE A 443 -32.13 -4.64 28.94
CA ILE A 443 -33.19 -5.46 28.36
C ILE A 443 -32.85 -5.84 26.93
N MET A 444 -32.46 -4.83 26.13
CA MET A 444 -32.14 -5.07 24.73
C MET A 444 -31.03 -6.11 24.60
N ILE A 445 -29.97 -5.98 25.41
CA ILE A 445 -28.87 -6.94 25.36
C ILE A 445 -29.36 -8.32 25.77
N GLU A 446 -30.29 -8.39 26.73
CA GLU A 446 -30.82 -9.68 27.14
C GLU A 446 -31.72 -10.26 26.07
N GLU A 447 -32.58 -9.43 25.47
CA GLU A 447 -33.51 -9.93 24.46
C GLU A 447 -32.78 -10.49 23.25
N CYS A 448 -31.62 -9.91 22.88
CA CYS A 448 -30.88 -10.41 21.73
C CYS A 448 -29.98 -11.58 22.08
N GLY A 449 -30.04 -12.07 23.31
CA GLY A 449 -29.16 -13.14 23.76
C GLY A 449 -27.80 -12.68 24.21
N GLY A 450 -27.58 -11.37 24.31
CA GLY A 450 -26.27 -10.88 24.69
C GLY A 450 -25.91 -11.15 26.13
N LEU A 451 -26.88 -11.04 27.04
CA LEU A 451 -26.60 -11.28 28.46
C LEU A 451 -25.97 -12.64 28.65
N ASP A 452 -26.48 -13.66 27.96
CA ASP A 452 -25.91 -15.00 28.06
C ASP A 452 -24.45 -14.99 27.61
N LYS A 453 -24.16 -14.29 26.51
CA LYS A 453 -22.80 -14.27 25.99
C LYS A 453 -21.83 -13.64 26.99
N ILE A 454 -22.24 -12.51 27.60
CA ILE A 454 -21.41 -11.86 28.60
C ILE A 454 -21.25 -12.77 29.81
N GLU A 455 -22.33 -13.44 30.22
CA GLU A 455 -22.25 -14.36 31.34
C GLU A 455 -21.24 -15.47 31.05
N ALA A 456 -21.23 -15.99 29.82
CA ALA A 456 -20.24 -17.00 29.45
C ALA A 456 -18.83 -16.44 29.45
N LEU A 457 -18.66 -15.16 29.10
CA LEU A 457 -17.33 -14.55 29.12
C LEU A 457 -16.75 -14.56 30.51
N GLN A 458 -17.59 -14.55 31.55
CA GLN A 458 -17.08 -14.69 32.91
C GLN A 458 -16.11 -15.86 33.02
N ARG A 459 -16.44 -16.96 32.33
CA ARG A 459 -15.65 -18.19 32.34
C ARG A 459 -14.71 -18.23 31.13
N HIS A 460 -14.11 -17.10 30.77
CA HIS A 460 -13.14 -17.04 29.69
C HIS A 460 -11.72 -17.21 30.25
N GLU A 461 -10.78 -17.45 29.36
CA GLU A 461 -9.40 -17.70 29.73
C GLU A 461 -8.55 -16.43 29.70
N ASN A 462 -9.18 -15.26 29.62
CA ASN A 462 -8.49 -13.98 29.63
C ASN A 462 -9.00 -13.17 30.83
N GLU A 463 -8.07 -12.52 31.54
CA GLU A 463 -8.44 -11.78 32.74
C GLU A 463 -9.32 -10.58 32.39
N SER A 464 -8.90 -9.77 31.39
CA SER A 464 -9.67 -8.59 31.04
C SER A 464 -11.05 -8.98 30.52
N VAL A 465 -11.14 -10.08 29.75
CA VAL A 465 -12.42 -10.56 29.26
C VAL A 465 -13.32 -10.93 30.42
N TYR A 466 -12.80 -11.76 31.34
CA TYR A 466 -13.58 -12.18 32.51
C TYR A 466 -13.95 -10.98 33.37
N LYS A 467 -12.96 -10.14 33.68
CA LYS A 467 -13.21 -8.99 34.55
C LYS A 467 -14.21 -8.03 33.92
N ALA A 468 -14.08 -7.79 32.60
CA ALA A 468 -15.00 -6.90 31.91
C ALA A 468 -16.42 -7.47 31.96
N SER A 469 -16.58 -8.75 31.59
CA SER A 469 -17.90 -9.36 31.61
C SER A 469 -18.50 -9.35 33.02
N LEU A 470 -17.70 -9.68 34.02
CA LEU A 470 -18.18 -9.69 35.40
C LEU A 470 -18.62 -8.30 35.83
N ASN A 471 -17.84 -7.26 35.47
CA ASN A 471 -18.18 -5.90 35.85
C ASN A 471 -19.53 -5.50 35.24
N LEU A 472 -19.75 -5.83 33.96
CA LEU A 472 -21.00 -5.49 33.30
C LEU A 472 -22.18 -6.23 33.94
N ILE A 473 -22.06 -7.55 34.13
CA ILE A 473 -23.18 -8.31 34.66
C ILE A 473 -23.46 -7.91 36.10
N GLU A 474 -22.52 -7.24 36.77
CA GLU A 474 -22.69 -6.78 38.15
C GLU A 474 -23.14 -5.34 38.23
N LYS A 475 -22.60 -4.47 37.36
CA LYS A 475 -22.93 -3.06 37.38
C LYS A 475 -24.26 -2.78 36.72
N TYR A 476 -24.67 -3.60 35.73
CA TYR A 476 -25.85 -3.32 34.93
C TYR A 476 -26.85 -4.47 34.88
N PHE A 477 -26.38 -5.70 35.12
CA PHE A 477 -27.26 -6.86 35.05
C PHE A 477 -27.44 -7.53 36.40
N SER A 478 -27.67 -6.77 37.45
CA SER A 478 -27.88 -7.30 38.79
C SER A 478 -29.14 -6.61 39.36
N LEU B 1 -7.19 7.39 19.82
CA LEU B 1 -7.12 5.94 19.69
C LEU B 1 -6.84 5.54 18.25
N LYS B 2 -5.96 6.31 17.60
CA LYS B 2 -5.59 6.04 16.21
C LYS B 2 -4.68 4.82 16.11
N ARG B 3 -4.97 3.96 15.14
CA ARG B 3 -4.26 2.69 14.95
C ARG B 3 -3.58 2.71 13.59
N LYS B 4 -2.26 2.92 13.60
CA LYS B 4 -1.47 2.86 12.38
C LYS B 4 -1.39 1.41 11.88
N ARG B 5 -0.71 1.24 10.74
N ARG B 5 -0.75 1.24 10.72
CA ARG B 5 -0.49 -0.08 10.16
CA ARG B 5 -0.44 -0.10 10.20
C ARG B 5 0.89 -0.61 10.52
C ARG B 5 0.91 -0.57 10.73
N ASP B 23 6.29 -7.58 -19.01
CA ASP B 23 5.99 -7.42 -17.59
C ASP B 23 5.29 -8.67 -17.03
N LYS B 24 6.09 -9.55 -16.42
CA LYS B 24 5.57 -10.77 -15.83
C LYS B 24 4.53 -10.44 -14.77
N GLU B 25 3.49 -11.28 -14.70
CA GLU B 25 2.36 -11.03 -13.83
C GLU B 25 2.61 -11.59 -12.43
N GLU B 26 1.66 -11.36 -11.52
CA GLU B 26 1.83 -11.68 -10.10
C GLU B 26 3.09 -11.00 -9.56
N VAL B 27 3.16 -9.68 -9.77
CA VAL B 27 4.40 -8.93 -9.59
C VAL B 27 4.06 -7.52 -9.09
N GLN B 28 4.73 -7.09 -8.00
N GLN B 28 4.69 -7.12 -7.98
CA GLN B 28 4.55 -5.74 -7.49
CA GLN B 28 4.53 -5.78 -7.43
C GLN B 28 5.91 -5.17 -7.09
C GLN B 28 5.89 -5.18 -7.08
N ARG B 29 6.68 -5.90 -6.28
CA ARG B 29 7.97 -5.38 -5.80
C ARG B 29 9.02 -5.30 -6.91
N LYS B 30 9.13 -6.34 -7.72
CA LYS B 30 10.06 -6.41 -8.83
C LYS B 30 9.30 -6.90 -10.05
N ARG B 31 9.78 -6.51 -11.23
N ARG B 31 9.77 -6.50 -11.22
CA ARG B 31 9.13 -6.81 -12.51
CA ARG B 31 9.16 -6.82 -12.49
C ARG B 31 10.15 -7.43 -13.45
C ARG B 31 10.20 -7.47 -13.40
N ARG B 32 9.90 -8.67 -13.89
CA ARG B 32 10.69 -9.27 -14.95
C ARG B 32 10.10 -8.85 -16.30
N LYS B 33 10.94 -8.35 -17.19
CA LYS B 33 10.49 -7.97 -18.52
C LYS B 33 10.40 -9.20 -19.42
N ALA B 34 9.21 -9.47 -19.92
CA ALA B 34 9.01 -10.54 -20.90
C ALA B 34 9.06 -9.99 -22.34
#